data_7F42
#
_entry.id   7F42
#
_cell.length_a   45.307
_cell.length_b   68.757
_cell.length_c   158.382
_cell.angle_alpha   90.000
_cell.angle_beta   90.000
_cell.angle_gamma   90.000
#
_symmetry.space_group_name_H-M   'P 21 21 21'
#
loop_
_entity.id
_entity.type
_entity.pdbx_description
1 polymer 'Protein mono-ADP-ribosyltransferase PARP15'
2 non-polymer 4-iodo-3-nitrobenzamide
3 water water
#
_entity_poly.entity_id   1
_entity_poly.type   'polypeptide(L)'
_entity_poly.pdbx_seq_one_letter_code
;TCNLPEHWTDMNHQLFCMVQLEPGQSEYNTIKDKFTRTCSSYAIEKIERIQNAFLWQSYQVKKRQMDIKNDHKNNERLLF
HGTDADSVPYVNQHGFNRSCAGKNAVSYGKGTYFAVDASYSAKDTYSKPDSNGRKHMYVVRVLTGVFTKGRAGLVTPPPK
NPHNPTDLFDSVTNNTRSPKLFVVFFDNQAYPEYLITFTA
;
_entity_poly.pdbx_strand_id   B,A
#
# COMPACT_ATOMS: atom_id res chain seq x y z
N ASN A 3 -8.38 -4.24 -17.49
CA ASN A 3 -8.74 -5.61 -17.81
C ASN A 3 -9.66 -6.20 -16.73
N LEU A 4 -10.98 -5.87 -16.83
CA LEU A 4 -11.91 -6.26 -15.77
C LEU A 4 -12.54 -7.62 -16.06
N PRO A 5 -12.92 -8.36 -15.02
CA PRO A 5 -13.48 -9.71 -15.23
C PRO A 5 -14.77 -9.67 -16.04
N GLU A 6 -14.96 -10.72 -16.86
CA GLU A 6 -16.11 -10.75 -17.76
C GLU A 6 -17.43 -11.03 -17.05
N HIS A 7 -17.41 -11.57 -15.83
CA HIS A 7 -18.65 -11.76 -15.08
C HIS A 7 -19.19 -10.47 -14.48
N TRP A 8 -18.41 -9.39 -14.48
CA TRP A 8 -18.89 -8.14 -13.93
C TRP A 8 -19.96 -7.54 -14.85
N THR A 9 -20.87 -6.78 -14.25
CA THR A 9 -21.78 -5.98 -15.05
C THR A 9 -21.00 -4.93 -15.82
N ASP A 10 -21.52 -4.60 -17.00
CA ASP A 10 -20.99 -3.48 -17.76
C ASP A 10 -21.29 -2.20 -16.98
N MET A 11 -20.25 -1.48 -16.60
CA MET A 11 -20.42 -0.33 -15.74
C MET A 11 -20.50 0.99 -16.50
N ASN A 12 -20.52 0.94 -17.84
CA ASN A 12 -20.63 2.13 -18.68
C ASN A 12 -19.52 3.14 -18.34
N HIS A 13 -18.29 2.65 -18.30
CA HIS A 13 -17.09 3.44 -18.03
C HIS A 13 -17.08 4.07 -16.64
N GLN A 14 -18.07 3.79 -15.79
CA GLN A 14 -17.90 4.06 -14.37
C GLN A 14 -16.87 3.09 -13.80
N LEU A 15 -16.26 3.48 -12.68
CA LEU A 15 -15.15 2.74 -12.11
C LEU A 15 -15.52 1.95 -10.86
N PHE A 16 -16.72 2.14 -10.32
CA PHE A 16 -17.12 1.46 -9.09
C PHE A 16 -18.61 1.19 -9.14
N CYS A 17 -19.00 0.00 -8.68
CA CYS A 17 -20.40 -0.39 -8.60
C CYS A 17 -20.54 -1.52 -7.58
N MET A 18 -21.63 -1.50 -6.83
CA MET A 18 -22.05 -2.62 -6.00
C MET A 18 -23.20 -3.33 -6.71
N VAL A 19 -23.07 -4.65 -6.89
CA VAL A 19 -24.06 -5.41 -7.64
C VAL A 19 -24.73 -6.44 -6.73
N GLN A 20 -26.04 -6.27 -6.56
CA GLN A 20 -26.81 -7.21 -5.74
C GLN A 20 -26.94 -8.54 -6.45
N LEU A 21 -26.65 -9.63 -5.73
CA LEU A 21 -26.71 -10.98 -6.29
C LEU A 21 -28.06 -11.62 -5.99
N GLU A 22 -28.45 -12.57 -6.85
CA GLU A 22 -29.75 -13.22 -6.68
C GLU A 22 -29.58 -14.58 -6.02
N PRO A 23 -30.37 -14.89 -4.97
CA PRO A 23 -30.27 -16.20 -4.32
C PRO A 23 -30.33 -17.43 -5.23
N GLY A 24 -30.92 -17.32 -6.42
CA GLY A 24 -30.82 -18.42 -7.37
C GLY A 24 -29.38 -18.80 -7.74
N GLN A 25 -28.52 -17.79 -7.95
CA GLN A 25 -27.24 -17.98 -8.64
C GLN A 25 -26.28 -18.87 -7.84
N SER A 26 -25.42 -19.60 -8.57
CA SER A 26 -24.31 -20.30 -7.93
C SER A 26 -23.37 -19.32 -7.23
N GLU A 27 -23.20 -18.13 -7.80
CA GLU A 27 -22.34 -17.12 -7.18
C GLU A 27 -22.84 -16.74 -5.78
N TYR A 28 -24.13 -16.48 -5.64
CA TYR A 28 -24.70 -16.20 -4.33
C TYR A 28 -24.62 -17.43 -3.44
N ASN A 29 -25.00 -18.60 -3.97
CA ASN A 29 -25.12 -19.79 -3.13
C ASN A 29 -23.77 -20.22 -2.55
N THR A 30 -22.68 -20.10 -3.33
CA THR A 30 -21.37 -20.51 -2.80
C THR A 30 -20.96 -19.64 -1.62
N ILE A 31 -21.23 -18.34 -1.69
CA ILE A 31 -20.92 -17.45 -0.59
C ILE A 31 -21.81 -17.77 0.61
N LYS A 32 -23.12 -17.92 0.38
CA LYS A 32 -24.02 -18.28 1.45
C LYS A 32 -23.57 -19.56 2.13
N ASP A 33 -23.19 -20.56 1.34
CA ASP A 33 -22.76 -21.83 1.92
C ASP A 33 -21.46 -21.67 2.73
N LYS A 34 -20.52 -20.87 2.21
CA LYS A 34 -19.28 -20.64 2.94
C LYS A 34 -19.53 -19.92 4.25
N PHE A 35 -20.45 -18.96 4.24
CA PHE A 35 -20.84 -18.26 5.46
C PHE A 35 -21.57 -19.17 6.43
N THR A 36 -22.59 -19.91 5.94
CA THR A 36 -23.45 -20.68 6.84
C THR A 36 -22.73 -21.87 7.45
N ARG A 37 -21.61 -22.31 6.85
CA ARG A 37 -20.88 -23.43 7.42
C ARG A 37 -20.49 -23.21 8.87
N THR A 38 -20.18 -21.96 9.24
CA THR A 38 -19.91 -21.63 10.63
C THR A 38 -20.85 -20.61 11.23
N CYS A 39 -21.76 -20.01 10.44
CA CYS A 39 -22.70 -19.02 10.95
C CYS A 39 -24.15 -19.41 10.75
N SER A 40 -24.50 -20.65 11.09
CA SER A 40 -25.86 -21.13 10.85
C SER A 40 -26.91 -20.36 11.65
N SER A 41 -26.51 -19.67 12.71
CA SER A 41 -27.48 -18.96 13.56
C SER A 41 -27.89 -17.59 13.02
N TYR A 42 -27.20 -17.08 12.01
CA TYR A 42 -27.48 -15.78 11.43
C TYR A 42 -28.23 -15.96 10.13
N ALA A 43 -28.79 -14.86 9.62
CA ALA A 43 -29.52 -14.90 8.36
C ALA A 43 -29.02 -13.77 7.47
N ILE A 44 -28.75 -14.10 6.22
CA ILE A 44 -28.26 -13.13 5.26
C ILE A 44 -29.41 -12.27 4.74
N GLU A 45 -29.22 -10.95 4.78
CA GLU A 45 -30.11 -10.03 4.10
C GLU A 45 -29.81 -9.97 2.61
N LYS A 46 -28.55 -9.70 2.24
CA LYS A 46 -28.18 -9.60 0.84
C LYS A 46 -26.68 -9.83 0.71
N ILE A 47 -26.27 -10.16 -0.51
CA ILE A 47 -24.86 -10.30 -0.87
C ILE A 47 -24.62 -9.45 -2.10
N GLU A 48 -23.63 -8.56 -2.02
CA GLU A 48 -23.30 -7.66 -3.12
C GLU A 48 -21.90 -7.95 -3.63
N ARG A 49 -21.77 -8.04 -4.94
CA ARG A 49 -20.45 -8.12 -5.56
C ARG A 49 -19.87 -6.72 -5.65
N ILE A 50 -18.63 -6.56 -5.21
CA ILE A 50 -17.95 -5.28 -5.24
C ILE A 50 -17.14 -5.18 -6.52
N GLN A 51 -17.51 -4.25 -7.38
CA GLN A 51 -16.80 -4.04 -8.64
C GLN A 51 -16.03 -2.73 -8.55
N ASN A 52 -14.77 -2.82 -8.14
CA ASN A 52 -13.92 -1.64 -7.95
C ASN A 52 -12.73 -1.80 -8.89
N ALA A 53 -12.79 -1.08 -10.03
CA ALA A 53 -11.80 -1.28 -11.08
C ALA A 53 -10.38 -1.00 -10.59
N PHE A 54 -10.17 0.13 -9.91
CA PHE A 54 -8.82 0.51 -9.52
C PHE A 54 -8.25 -0.45 -8.50
N LEU A 55 -9.06 -0.82 -7.48
CA LEU A 55 -8.56 -1.77 -6.49
C LEU A 55 -8.26 -3.12 -7.12
N TRP A 56 -9.11 -3.54 -8.06
CA TRP A 56 -8.89 -4.81 -8.73
C TRP A 56 -7.57 -4.80 -9.50
N GLN A 57 -7.34 -3.71 -10.25
CA GLN A 57 -6.12 -3.61 -11.05
C GLN A 57 -4.88 -3.70 -10.17
N SER A 58 -4.86 -2.95 -9.08
CA SER A 58 -3.67 -2.94 -8.23
C SER A 58 -3.48 -4.27 -7.54
N TYR A 59 -4.58 -4.90 -7.13
CA TYR A 59 -4.49 -6.21 -6.48
C TYR A 59 -3.99 -7.26 -7.45
N GLN A 60 -4.53 -7.25 -8.67
CA GLN A 60 -4.13 -8.27 -9.65
C GLN A 60 -2.66 -8.13 -10.03
N VAL A 61 -2.14 -6.90 -10.05
CA VAL A 61 -0.71 -6.70 -10.29
C VAL A 61 0.10 -7.34 -9.18
N LYS A 62 -0.30 -7.09 -7.93
CA LYS A 62 0.40 -7.70 -6.79
C LYS A 62 0.32 -9.21 -6.83
N LYS A 63 -0.85 -9.76 -7.22
CA LYS A 63 -0.97 -11.21 -7.29
C LYS A 63 -0.03 -11.80 -8.33
N ARG A 64 0.02 -11.19 -9.52
CA ARG A 64 0.94 -11.67 -10.53
C ARG A 64 2.38 -11.62 -10.03
N GLN A 65 2.74 -10.55 -9.32
CA GLN A 65 4.09 -10.43 -8.79
C GLN A 65 4.39 -11.53 -7.77
N MET A 66 3.46 -11.78 -6.85
CA MET A 66 3.65 -12.82 -5.84
C MET A 66 3.70 -14.21 -6.47
N ASP A 67 2.87 -14.46 -7.48
CA ASP A 67 2.92 -15.74 -8.18
C ASP A 67 4.27 -15.94 -8.86
N ILE A 68 4.84 -14.88 -9.43
CA ILE A 68 6.16 -14.97 -10.03
C ILE A 68 7.22 -15.23 -8.97
N LYS A 69 7.15 -14.49 -7.86
CA LYS A 69 8.19 -14.55 -6.84
C LYS A 69 8.20 -15.90 -6.13
N ASN A 70 7.02 -16.44 -5.85
CA ASN A 70 6.93 -17.68 -5.09
C ASN A 70 6.97 -18.92 -5.97
N ASP A 71 6.93 -18.75 -7.29
CA ASP A 71 7.01 -19.85 -8.25
C ASP A 71 5.90 -20.88 -8.07
N HIS A 72 4.73 -20.41 -7.65
CA HIS A 72 3.53 -21.23 -7.62
C HIS A 72 2.34 -20.29 -7.55
N LYS A 73 1.14 -20.86 -7.69
CA LYS A 73 -0.10 -20.10 -7.68
C LYS A 73 -1.00 -20.52 -6.53
N ASN A 74 -0.40 -20.87 -5.40
CA ASN A 74 -1.12 -21.15 -4.17
C ASN A 74 -1.03 -19.97 -3.22
N ASN A 75 -1.13 -18.75 -3.75
CA ASN A 75 -0.89 -17.57 -2.94
C ASN A 75 -2.14 -16.86 -2.47
N GLU A 76 -3.31 -17.25 -2.94
CA GLU A 76 -4.54 -16.52 -2.66
C GLU A 76 -5.54 -17.39 -1.89
N ARG A 77 -6.14 -16.81 -0.85
CA ARG A 77 -7.19 -17.43 -0.07
C ARG A 77 -8.41 -16.53 -0.07
N LEU A 78 -9.59 -17.12 0.09
CA LEU A 78 -10.84 -16.37 0.22
C LEU A 78 -11.21 -16.37 1.69
N LEU A 79 -11.17 -15.18 2.30
CA LEU A 79 -11.28 -15.04 3.74
C LEU A 79 -12.35 -14.01 4.07
N PHE A 80 -12.64 -13.88 5.36
CA PHE A 80 -13.72 -13.01 5.83
C PHE A 80 -13.18 -11.85 6.64
N HIS A 81 -13.92 -10.74 6.64
CA HIS A 81 -13.54 -9.58 7.44
C HIS A 81 -14.81 -8.86 7.89
N GLY A 82 -15.06 -8.88 9.20
CA GLY A 82 -16.19 -8.17 9.77
C GLY A 82 -15.81 -6.72 10.05
N THR A 83 -16.72 -5.80 9.77
CA THR A 83 -16.42 -4.40 10.03
C THR A 83 -17.70 -3.66 10.44
N ASP A 84 -17.51 -2.47 10.99
CA ASP A 84 -18.66 -1.66 11.38
C ASP A 84 -19.25 -0.97 10.15
N ALA A 85 -20.54 -0.65 10.23
CA ALA A 85 -21.20 -0.05 9.07
C ALA A 85 -20.56 1.27 8.65
N ASP A 86 -19.98 2.00 9.60
CA ASP A 86 -19.40 3.30 9.27
C ASP A 86 -18.16 3.19 8.40
N SER A 87 -17.48 2.03 8.41
CA SER A 87 -16.29 1.83 7.60
C SER A 87 -16.60 1.29 6.21
N VAL A 88 -17.84 0.84 5.98
CA VAL A 88 -18.19 0.22 4.70
C VAL A 88 -17.96 1.13 3.50
N PRO A 89 -18.37 2.40 3.52
CA PRO A 89 -18.13 3.24 2.33
C PRO A 89 -16.66 3.35 1.98
N TYR A 90 -15.80 3.53 2.99
CA TYR A 90 -14.36 3.61 2.75
C TYR A 90 -13.83 2.30 2.17
N VAL A 91 -14.15 1.17 2.82
CA VAL A 91 -13.62 -0.11 2.34
C VAL A 91 -14.07 -0.38 0.91
N ASN A 92 -15.34 -0.11 0.59
CA ASN A 92 -15.82 -0.37 -0.77
C ASN A 92 -14.99 0.37 -1.81
N GLN A 93 -14.56 1.58 -1.49
CA GLN A 93 -13.82 2.45 -2.40
C GLN A 93 -12.32 2.22 -2.34
N HIS A 94 -11.77 2.02 -1.15
CA HIS A 94 -10.33 2.08 -0.92
C HIS A 94 -9.72 0.82 -0.33
N GLY A 95 -10.52 -0.16 0.03
CA GLY A 95 -9.97 -1.39 0.54
C GLY A 95 -9.66 -1.28 2.01
N PHE A 96 -8.78 -2.18 2.45
CA PHE A 96 -8.43 -2.28 3.86
C PHE A 96 -7.15 -1.52 4.14
N ASN A 97 -7.19 -0.66 5.15
CA ASN A 97 -6.08 0.21 5.48
C ASN A 97 -5.55 -0.18 6.85
N ARG A 98 -4.33 -0.70 6.90
CA ARG A 98 -3.74 -1.12 8.17
C ARG A 98 -3.65 0.03 9.17
N SER A 99 -3.57 1.27 8.69
CA SER A 99 -3.46 2.40 9.59
C SER A 99 -4.76 2.68 10.35
N CYS A 100 -5.87 2.08 9.89
CA CYS A 100 -7.22 2.22 10.42
C CYS A 100 -7.67 0.99 11.19
N ALA A 101 -6.87 -0.07 11.23
CA ALA A 101 -7.31 -1.36 11.77
C ALA A 101 -7.37 -1.33 13.29
N GLY A 102 -8.39 -1.95 13.86
CA GLY A 102 -8.41 -2.11 15.29
C GLY A 102 -7.37 -3.11 15.75
N LYS A 103 -6.99 -3.02 17.02
CA LYS A 103 -6.12 -4.03 17.59
C LYS A 103 -6.92 -5.28 17.90
N ASN A 104 -6.43 -6.43 17.46
CA ASN A 104 -7.10 -7.71 17.69
C ASN A 104 -6.87 -8.18 19.12
N ALA A 105 -7.88 -8.87 19.67
CA ALA A 105 -7.77 -9.39 21.04
C ALA A 105 -6.57 -10.31 21.21
N VAL A 106 -6.19 -11.04 20.18
CA VAL A 106 -4.90 -11.72 20.17
C VAL A 106 -4.15 -11.19 18.95
N SER A 107 -3.13 -10.36 19.20
CA SER A 107 -2.46 -9.67 18.11
C SER A 107 -1.27 -10.47 17.64
N TYR A 108 -1.24 -10.72 16.33
CA TYR A 108 -0.11 -11.34 15.64
C TYR A 108 0.60 -10.34 14.74
N GLY A 109 0.37 -9.07 14.96
CA GLY A 109 1.03 -8.00 14.24
C GLY A 109 0.08 -6.85 13.93
N LYS A 110 0.68 -5.71 13.59
CA LYS A 110 -0.07 -4.49 13.30
C LYS A 110 -0.42 -4.43 11.82
N GLY A 111 -1.45 -5.19 11.45
CA GLY A 111 -1.91 -5.18 10.08
C GLY A 111 -3.39 -5.42 9.99
N THR A 112 -3.88 -5.75 8.80
CA THR A 112 -5.30 -6.03 8.64
C THR A 112 -5.55 -7.53 8.76
N TYR A 113 -6.60 -7.87 9.51
CA TYR A 113 -6.91 -9.24 9.88
C TYR A 113 -8.03 -9.81 9.02
N PHE A 114 -7.85 -11.06 8.61
CA PHE A 114 -8.83 -11.81 7.81
C PHE A 114 -9.00 -13.21 8.39
N ALA A 115 -10.25 -13.64 8.53
CA ALA A 115 -10.58 -14.90 9.19
C ALA A 115 -10.90 -16.01 8.19
N VAL A 116 -10.47 -17.23 8.52
CA VAL A 116 -10.86 -18.41 7.75
C VAL A 116 -12.36 -18.69 7.90
N ASP A 117 -12.87 -18.56 9.13
CA ASP A 117 -14.25 -18.90 9.45
C ASP A 117 -15.10 -17.65 9.59
N ALA A 118 -16.28 -17.66 8.95
CA ALA A 118 -17.18 -16.53 9.09
C ALA A 118 -17.58 -16.29 10.54
N SER A 119 -17.62 -17.35 11.35
CA SER A 119 -18.03 -17.21 12.74
C SER A 119 -17.12 -16.26 13.50
N TYR A 120 -15.84 -16.20 13.14
CA TYR A 120 -14.95 -15.26 13.82
C TYR A 120 -15.35 -13.83 13.48
N SER A 121 -15.48 -13.55 12.18
CA SER A 121 -15.86 -12.21 11.72
C SER A 121 -17.26 -11.82 12.15
N ALA A 122 -18.11 -12.80 12.45
CA ALA A 122 -19.49 -12.53 12.84
C ALA A 122 -19.62 -12.04 14.27
N LYS A 123 -18.56 -12.11 15.07
CA LYS A 123 -18.66 -11.57 16.42
C LYS A 123 -18.94 -10.08 16.35
N ASP A 124 -19.77 -9.60 17.29
CA ASP A 124 -20.11 -8.19 17.34
C ASP A 124 -18.88 -7.29 17.49
N THR A 125 -17.76 -7.83 18.00
CA THR A 125 -16.54 -7.04 18.10
C THR A 125 -16.04 -6.58 16.74
N TYR A 126 -16.33 -7.35 15.69
CA TYR A 126 -15.88 -7.01 14.34
C TYR A 126 -17.03 -6.46 13.51
N SER A 127 -18.03 -7.30 13.23
CA SER A 127 -19.19 -6.89 12.45
C SER A 127 -20.23 -6.24 13.37
N LYS A 128 -19.87 -5.06 13.87
CA LYS A 128 -20.68 -4.39 14.88
C LYS A 128 -22.09 -4.13 14.34
N PRO A 129 -23.13 -4.52 15.06
CA PRO A 129 -24.50 -4.28 14.57
C PRO A 129 -24.78 -2.79 14.51
N ASP A 130 -25.36 -2.34 13.40
CA ASP A 130 -25.78 -0.94 13.33
C ASP A 130 -27.09 -0.75 14.11
N SER A 131 -27.63 0.47 14.07
CA SER A 131 -28.84 0.75 14.83
C SER A 131 -30.05 -0.04 14.34
N ASN A 132 -30.00 -0.56 13.11
CA ASN A 132 -31.06 -1.40 12.58
C ASN A 132 -30.77 -2.89 12.71
N GLY A 133 -29.74 -3.26 13.47
CA GLY A 133 -29.42 -4.66 13.66
C GLY A 133 -28.65 -5.31 12.53
N ARG A 134 -28.18 -4.52 11.57
CA ARG A 134 -27.47 -5.07 10.42
C ARG A 134 -25.99 -5.22 10.75
N LYS A 135 -25.44 -6.39 10.42
CA LYS A 135 -24.03 -6.67 10.55
C LYS A 135 -23.43 -6.82 9.16
N HIS A 136 -22.15 -6.48 9.03
CA HIS A 136 -21.49 -6.40 7.73
C HIS A 136 -20.19 -7.20 7.74
N MET A 137 -20.04 -8.05 6.75
CA MET A 137 -18.85 -8.89 6.62
C MET A 137 -18.44 -8.94 5.17
N TYR A 138 -17.16 -8.66 4.91
CA TYR A 138 -16.62 -8.80 3.56
C TYR A 138 -16.10 -10.20 3.34
N VAL A 139 -16.21 -10.65 2.09
CA VAL A 139 -15.51 -11.83 1.59
C VAL A 139 -14.40 -11.30 0.69
N VAL A 140 -13.16 -11.72 0.97
CA VAL A 140 -11.99 -10.99 0.51
C VAL A 140 -11.02 -11.98 -0.13
N ARG A 141 -10.51 -11.64 -1.32
CA ARG A 141 -9.35 -12.35 -1.87
C ARG A 141 -8.10 -11.77 -1.21
N VAL A 142 -7.31 -12.62 -0.56
CA VAL A 142 -6.17 -12.18 0.23
C VAL A 142 -4.94 -12.92 -0.27
N LEU A 143 -3.87 -12.17 -0.55
CA LEU A 143 -2.62 -12.78 -0.98
C LEU A 143 -1.82 -13.17 0.26
N THR A 144 -2.14 -14.35 0.78
CA THR A 144 -1.47 -14.88 1.96
C THR A 144 -0.08 -15.42 1.64
N GLY A 145 0.13 -15.93 0.43
CA GLY A 145 1.45 -16.37 0.03
C GLY A 145 2.09 -17.36 1.00
N VAL A 146 3.37 -17.15 1.27
CA VAL A 146 4.12 -17.96 2.22
C VAL A 146 4.03 -17.24 3.56
N PHE A 147 3.66 -17.96 4.61
CA PHE A 147 3.35 -17.32 5.88
C PHE A 147 4.05 -18.01 7.05
N THR A 148 4.10 -17.31 8.18
CA THR A 148 4.68 -17.83 9.41
C THR A 148 3.81 -17.32 10.56
N LYS A 149 4.06 -17.84 11.76
CA LYS A 149 3.32 -17.35 12.93
C LYS A 149 3.74 -15.91 13.24
N GLY A 150 2.77 -15.03 13.36
CA GLY A 150 3.07 -13.63 13.62
C GLY A 150 3.43 -13.36 15.07
N ARG A 151 3.71 -12.08 15.34
CA ARG A 151 4.02 -11.56 16.68
C ARG A 151 3.48 -10.15 16.77
N ALA A 152 3.08 -9.74 17.97
CA ALA A 152 2.37 -8.49 18.14
C ALA A 152 3.17 -7.29 17.67
N GLY A 153 4.49 -7.36 17.74
CA GLY A 153 5.27 -6.18 17.39
C GLY A 153 5.45 -5.93 15.90
N LEU A 154 5.01 -6.87 15.04
CA LEU A 154 5.29 -6.75 13.61
C LEU A 154 4.62 -5.54 12.99
N VAL A 155 5.39 -4.81 12.20
CA VAL A 155 4.90 -3.73 11.36
C VAL A 155 4.85 -4.15 9.89
N THR A 156 5.63 -5.17 9.50
CA THR A 156 5.58 -5.88 8.22
C THR A 156 5.79 -7.34 8.56
N PRO A 157 5.59 -8.29 7.65
CA PRO A 157 5.91 -9.67 7.98
C PRO A 157 7.40 -9.80 8.21
N PRO A 158 7.81 -10.80 8.99
CA PRO A 158 9.22 -10.94 9.30
C PRO A 158 9.98 -11.49 8.10
N PRO A 159 11.30 -11.35 8.09
CA PRO A 159 12.11 -12.01 7.07
C PRO A 159 12.08 -13.52 7.23
N LYS A 160 12.22 -14.22 6.11
CA LYS A 160 12.38 -15.67 6.17
C LYS A 160 13.73 -16.04 6.75
N ASN A 161 14.72 -15.19 6.58
CA ASN A 161 16.10 -15.48 6.94
C ASN A 161 16.65 -14.23 7.61
N PRO A 162 17.12 -14.29 8.86
CA PRO A 162 17.57 -13.05 9.53
C PRO A 162 18.76 -12.39 8.86
N HIS A 163 19.51 -13.12 8.03
CA HIS A 163 20.64 -12.51 7.36
C HIS A 163 20.30 -11.92 6.01
N ASN A 164 19.04 -12.02 5.60
CA ASN A 164 18.53 -11.35 4.41
C ASN A 164 17.23 -10.65 4.81
N PRO A 165 17.34 -9.56 5.56
CA PRO A 165 16.15 -8.99 6.23
C PRO A 165 15.10 -8.46 5.28
N THR A 166 15.41 -8.23 3.99
CA THR A 166 14.40 -7.67 3.10
C THR A 166 13.57 -8.70 2.37
N ASP A 167 13.90 -9.99 2.46
CA ASP A 167 13.14 -11.05 1.80
C ASP A 167 12.10 -11.57 2.78
N LEU A 168 10.87 -11.09 2.64
CA LEU A 168 9.87 -11.22 3.67
C LEU A 168 8.91 -12.37 3.39
N PHE A 169 8.35 -12.94 4.45
CA PHE A 169 7.12 -13.70 4.29
C PHE A 169 6.04 -12.78 3.73
N ASP A 170 5.02 -13.38 3.10
CA ASP A 170 3.97 -12.56 2.51
C ASP A 170 2.91 -12.15 3.51
N SER A 171 2.70 -12.96 4.55
CA SER A 171 1.69 -12.69 5.55
C SER A 171 2.06 -13.47 6.80
N VAL A 172 1.30 -13.24 7.88
CA VAL A 172 1.47 -14.04 9.08
C VAL A 172 0.12 -14.59 9.53
N THR A 173 0.18 -15.57 10.44
CA THR A 173 -1.00 -16.29 10.89
C THR A 173 -0.89 -16.54 12.39
N ASN A 174 -1.99 -17.02 12.98
CA ASN A 174 -1.97 -17.37 14.39
C ASN A 174 -1.33 -18.73 14.63
N ASN A 175 -1.39 -19.62 13.64
CA ASN A 175 -0.89 -20.99 13.79
C ASN A 175 -0.66 -21.55 12.40
N THR A 176 0.58 -21.95 12.10
CA THR A 176 0.85 -22.40 10.74
C THR A 176 0.27 -23.78 10.48
N ARG A 177 0.13 -24.62 11.52
CA ARG A 177 -0.46 -25.93 11.34
C ARG A 177 -1.94 -25.84 11.03
N SER A 178 -2.66 -24.99 11.75
CA SER A 178 -4.11 -24.87 11.63
C SER A 178 -4.48 -23.39 11.59
N PRO A 179 -4.25 -22.72 10.47
CA PRO A 179 -4.48 -21.27 10.41
C PRO A 179 -5.95 -20.94 10.54
N LYS A 180 -6.26 -19.96 11.39
CA LYS A 180 -7.59 -19.42 11.49
C LYS A 180 -7.66 -17.93 11.17
N LEU A 181 -6.54 -17.22 11.23
CA LEU A 181 -6.47 -15.81 10.91
C LEU A 181 -5.22 -15.56 10.09
N PHE A 182 -5.29 -14.58 9.20
CA PHE A 182 -4.14 -14.11 8.46
C PHE A 182 -4.07 -12.59 8.59
N VAL A 183 -2.85 -12.07 8.66
CA VAL A 183 -2.59 -10.64 8.78
C VAL A 183 -1.75 -10.23 7.58
N VAL A 184 -2.19 -9.19 6.88
CA VAL A 184 -1.37 -8.61 5.81
C VAL A 184 -1.03 -7.17 6.17
N PHE A 185 0.08 -6.70 5.62
CA PHE A 185 0.71 -5.46 6.07
C PHE A 185 0.91 -4.45 4.94
N PHE A 186 0.36 -4.70 3.76
CA PHE A 186 0.53 -3.81 2.63
C PHE A 186 -0.78 -3.55 1.94
N ASP A 187 -0.88 -2.38 1.31
CA ASP A 187 -2.08 -2.02 0.57
C ASP A 187 -2.17 -2.90 -0.67
N ASN A 188 -3.39 -3.14 -1.11
CA ASN A 188 -3.60 -3.90 -2.34
C ASN A 188 -3.11 -5.36 -2.24
N GLN A 189 -2.96 -5.91 -1.03
CA GLN A 189 -2.80 -7.33 -0.82
C GLN A 189 -4.12 -8.03 -0.52
N ALA A 190 -5.23 -7.31 -0.56
CA ALA A 190 -6.53 -7.87 -0.24
C ALA A 190 -7.58 -7.13 -1.07
N TYR A 191 -8.41 -7.88 -1.79
CA TYR A 191 -9.45 -7.27 -2.61
C TYR A 191 -10.80 -7.60 -1.99
N PRO A 192 -11.57 -6.60 -1.56
CA PRO A 192 -12.93 -6.87 -1.06
C PRO A 192 -13.84 -7.25 -2.20
N GLU A 193 -14.26 -8.51 -2.25
CA GLU A 193 -14.97 -9.04 -3.40
C GLU A 193 -16.49 -9.07 -3.20
N TYR A 194 -16.95 -9.38 -1.99
CA TYR A 194 -18.37 -9.40 -1.71
C TYR A 194 -18.58 -8.75 -0.36
N LEU A 195 -19.75 -8.12 -0.21
CA LEU A 195 -20.23 -7.61 1.07
C LEU A 195 -21.48 -8.40 1.46
N ILE A 196 -21.42 -9.09 2.59
CA ILE A 196 -22.57 -9.78 3.13
C ILE A 196 -23.17 -8.87 4.19
N THR A 197 -24.45 -8.52 4.03
CA THR A 197 -25.21 -7.85 5.09
C THR A 197 -26.10 -8.91 5.72
N PHE A 198 -26.07 -9.02 7.04
CA PHE A 198 -26.79 -10.10 7.70
C PHE A 198 -27.32 -9.61 9.04
N THR A 199 -28.21 -10.41 9.63
CA THR A 199 -28.81 -10.07 10.91
C THR A 199 -28.90 -11.31 11.78
N ALA A 200 -29.13 -11.10 13.07
CA ALA A 200 -29.42 -12.21 13.96
C ALA A 200 -30.84 -12.71 13.69
N THR B 1 8.45 -7.10 -14.44
CA THR B 1 7.25 -6.30 -14.54
C THR B 1 7.41 -5.22 -15.61
N CYS B 2 6.30 -4.80 -16.21
CA CYS B 2 6.36 -4.22 -17.55
C CYS B 2 6.36 -2.68 -17.53
N ASN B 3 6.27 -2.13 -18.75
CA ASN B 3 6.48 -0.71 -19.04
C ASN B 3 7.67 -0.11 -18.28
N LEU B 4 8.79 -0.81 -18.38
CA LEU B 4 10.03 -0.29 -17.84
C LEU B 4 10.50 0.90 -18.68
N PRO B 5 11.08 1.92 -18.06
CA PRO B 5 11.47 3.11 -18.82
C PRO B 5 12.69 2.85 -19.68
N GLU B 6 12.83 3.65 -20.73
CA GLU B 6 13.82 3.38 -21.76
C GLU B 6 15.26 3.62 -21.30
N HIS B 7 15.46 4.43 -20.26
CA HIS B 7 16.81 4.75 -19.83
C HIS B 7 17.38 3.75 -18.83
N TRP B 8 16.58 2.80 -18.37
CA TRP B 8 17.13 1.71 -17.59
C TRP B 8 18.05 0.87 -18.46
N THR B 9 18.99 0.19 -17.83
CA THR B 9 19.88 -0.71 -18.52
C THR B 9 19.34 -2.13 -18.40
N ASP B 10 19.74 -2.99 -19.34
CA ASP B 10 19.22 -4.34 -19.38
C ASP B 10 19.51 -5.06 -18.07
N MET B 11 18.56 -5.87 -17.62
CA MET B 11 18.69 -6.47 -16.31
C MET B 11 18.91 -7.97 -16.32
N ASN B 12 19.15 -8.56 -17.49
CA ASN B 12 19.58 -9.95 -17.55
C ASN B 12 18.56 -10.89 -16.91
N HIS B 13 17.28 -10.53 -17.02
CA HIS B 13 16.13 -11.21 -16.43
C HIS B 13 15.99 -11.00 -14.92
N GLN B 14 16.86 -10.22 -14.29
CA GLN B 14 16.61 -9.87 -12.91
C GLN B 14 15.44 -8.89 -12.83
N LEU B 15 14.75 -8.92 -11.71
CA LEU B 15 13.65 -7.99 -11.46
C LEU B 15 14.06 -6.81 -10.59
N PHE B 16 15.28 -6.85 -10.04
CA PHE B 16 15.75 -5.77 -9.19
C PHE B 16 17.25 -5.64 -9.37
N CYS B 17 17.71 -4.41 -9.63
CA CYS B 17 19.13 -4.13 -9.70
C CYS B 17 19.36 -2.68 -9.32
N MET B 18 20.49 -2.43 -8.68
CA MET B 18 20.99 -1.08 -8.45
C MET B 18 22.12 -0.83 -9.43
N VAL B 19 22.03 0.26 -10.19
CA VAL B 19 22.97 0.55 -11.26
C VAL B 19 23.71 1.82 -10.90
N GLN B 20 25.01 1.70 -10.65
CA GLN B 20 25.80 2.90 -10.35
C GLN B 20 25.94 3.74 -11.62
N LEU B 21 25.65 5.03 -11.49
CA LEU B 21 25.68 5.93 -12.63
C LEU B 21 27.10 6.35 -12.93
N GLU B 22 27.38 6.51 -14.23
CA GLU B 22 28.68 6.95 -14.69
C GLU B 22 28.77 8.46 -14.57
N PRO B 23 29.69 8.99 -13.77
CA PRO B 23 29.82 10.45 -13.66
C PRO B 23 30.15 11.08 -15.00
N GLY B 24 29.58 12.27 -15.23
CA GLY B 24 29.82 13.02 -16.44
C GLY B 24 28.88 12.73 -17.59
N GLN B 25 28.10 11.66 -17.52
CA GLN B 25 27.09 11.43 -18.53
C GLN B 25 25.79 12.12 -18.13
N SER B 26 24.89 12.29 -19.11
CA SER B 26 23.75 13.18 -18.96
C SER B 26 22.91 12.83 -17.74
N GLU B 27 22.63 11.54 -17.53
CA GLU B 27 21.76 11.13 -16.43
C GLU B 27 22.36 11.52 -15.08
N TYR B 28 23.62 11.19 -14.87
CA TYR B 28 24.30 11.55 -13.63
C TYR B 28 24.29 13.06 -13.42
N ASN B 29 24.57 13.81 -14.49
CA ASN B 29 24.63 15.27 -14.36
C ASN B 29 23.29 15.84 -13.92
N THR B 30 22.20 15.31 -14.47
CA THR B 30 20.87 15.82 -14.15
C THR B 30 20.56 15.65 -12.67
N ILE B 31 20.86 14.47 -12.13
CA ILE B 31 20.56 14.23 -10.72
C ILE B 31 21.51 15.01 -9.82
N LYS B 32 22.80 15.06 -10.17
CA LYS B 32 23.73 15.87 -9.41
C LYS B 32 23.26 17.32 -9.32
N ASP B 33 22.79 17.88 -10.43
CA ASP B 33 22.36 19.27 -10.44
C ASP B 33 21.17 19.48 -9.51
N LYS B 34 20.23 18.55 -9.52
CA LYS B 34 19.06 18.68 -8.63
C LYS B 34 19.50 18.73 -7.18
N PHE B 35 20.46 17.89 -6.82
CA PHE B 35 20.95 17.82 -5.46
C PHE B 35 21.78 19.06 -5.11
N THR B 36 22.70 19.45 -6.00
CA THR B 36 23.59 20.56 -5.70
C THR B 36 22.90 21.91 -5.71
N ARG B 37 21.69 22.02 -6.26
CA ARG B 37 20.97 23.29 -6.20
C ARG B 37 20.82 23.78 -4.77
N THR B 38 20.64 22.86 -3.82
CA THR B 38 20.58 23.24 -2.41
C THR B 38 21.63 22.57 -1.53
N CYS B 39 22.43 21.64 -2.07
CA CYS B 39 23.41 20.90 -1.29
C CYS B 39 24.80 20.99 -1.91
N SER B 40 25.23 22.20 -2.29
CA SER B 40 26.51 22.35 -3.00
C SER B 40 27.71 22.07 -2.09
N SER B 41 27.56 22.19 -0.77
CA SER B 41 28.70 21.98 0.12
C SER B 41 28.94 20.51 0.44
N TYR B 42 28.06 19.62 0.02
CA TYR B 42 28.23 18.19 0.27
C TYR B 42 28.99 17.56 -0.89
N ALA B 43 29.58 16.40 -0.59
CA ALA B 43 30.40 15.68 -1.56
C ALA B 43 29.69 14.39 -1.94
N ILE B 44 29.34 14.26 -3.22
CA ILE B 44 28.66 13.07 -3.72
C ILE B 44 29.66 11.94 -3.91
N GLU B 45 29.41 10.81 -3.25
CA GLU B 45 30.22 9.61 -3.40
C GLU B 45 29.79 8.82 -4.63
N LYS B 46 28.49 8.58 -4.77
CA LYS B 46 27.98 7.93 -5.96
C LYS B 46 26.48 8.19 -6.03
N ILE B 47 25.96 7.95 -7.22
CA ILE B 47 24.53 8.00 -7.48
C ILE B 47 24.17 6.68 -8.14
N GLU B 48 23.11 6.05 -7.65
CA GLU B 48 22.67 4.76 -8.18
C GLU B 48 21.24 4.89 -8.66
N ARG B 49 20.97 4.31 -9.82
CA ARG B 49 19.61 4.21 -10.32
C ARG B 49 18.97 2.95 -9.78
N ILE B 50 17.78 3.09 -9.19
CA ILE B 50 17.07 1.95 -8.64
C ILE B 50 16.20 1.35 -9.72
N GLN B 51 16.49 0.11 -10.12
CA GLN B 51 15.71 -0.58 -11.14
C GLN B 51 14.93 -1.69 -10.44
N ASN B 52 13.78 -1.32 -9.89
CA ASN B 52 12.92 -2.28 -9.20
C ASN B 52 11.66 -2.44 -10.06
N ALA B 53 11.62 -3.54 -10.83
CA ALA B 53 10.57 -3.71 -11.83
C ALA B 53 9.19 -3.77 -11.21
N PHE B 54 9.05 -4.52 -10.11
CA PHE B 54 7.73 -4.70 -9.49
C PHE B 54 7.24 -3.41 -8.85
N LEU B 55 8.13 -2.71 -8.15
CA LEU B 55 7.76 -1.42 -7.54
C LEU B 55 7.36 -0.42 -8.62
N TRP B 56 8.12 -0.36 -9.71
CA TRP B 56 7.79 0.54 -10.81
C TRP B 56 6.43 0.20 -11.41
N GLN B 57 6.17 -1.09 -11.63
CA GLN B 57 4.91 -1.49 -12.21
C GLN B 57 3.73 -1.03 -11.36
N SER B 58 3.81 -1.26 -10.05
CA SER B 58 2.70 -0.88 -9.18
C SER B 58 2.54 0.63 -9.08
N TYR B 59 3.66 1.36 -9.09
CA TYR B 59 3.63 2.82 -9.08
C TYR B 59 2.99 3.36 -10.36
N GLN B 60 3.39 2.80 -11.51
CA GLN B 60 2.81 3.27 -12.78
C GLN B 60 1.33 2.98 -12.87
N VAL B 61 0.87 1.86 -12.28
CA VAL B 61 -0.56 1.61 -12.22
C VAL B 61 -1.26 2.72 -11.44
N LYS B 62 -0.73 3.07 -10.28
CA LYS B 62 -1.32 4.15 -9.50
C LYS B 62 -1.27 5.49 -10.25
N LYS B 63 -0.18 5.74 -10.99
CA LYS B 63 -0.08 6.98 -11.74
C LYS B 63 -1.17 7.05 -12.81
N ARG B 64 -1.35 5.96 -13.56
CA ARG B 64 -2.40 5.94 -14.58
C ARG B 64 -3.77 6.14 -13.95
N GLN B 65 -4.03 5.53 -12.80
CA GLN B 65 -5.31 5.73 -12.12
C GLN B 65 -5.48 7.18 -11.68
N MET B 66 -4.42 7.79 -11.16
CA MET B 66 -4.54 9.18 -10.72
C MET B 66 -4.68 10.13 -11.88
N ASP B 67 -4.01 9.84 -13.00
CA ASP B 67 -4.19 10.65 -14.21
C ASP B 67 -5.64 10.58 -14.69
N ILE B 68 -6.25 9.40 -14.63
CA ILE B 68 -7.65 9.28 -15.04
C ILE B 68 -8.56 10.02 -14.07
N LYS B 69 -8.35 9.83 -12.77
CA LYS B 69 -9.26 10.38 -11.77
C LYS B 69 -9.21 11.90 -11.75
N ASN B 70 -8.01 12.48 -11.87
CA ASN B 70 -7.85 13.93 -11.83
C ASN B 70 -8.01 14.60 -13.18
N ASP B 71 -8.13 13.84 -14.27
CA ASP B 71 -8.36 14.34 -15.61
C ASP B 71 -7.21 15.18 -16.15
N HIS B 72 -6.00 14.98 -15.65
CA HIS B 72 -4.81 15.63 -16.16
C HIS B 72 -3.60 14.78 -15.79
N LYS B 73 -2.44 15.16 -16.32
CA LYS B 73 -1.20 14.44 -16.09
C LYS B 73 -0.18 15.28 -15.34
N ASN B 74 -0.64 16.17 -14.47
CA ASN B 74 0.23 16.99 -13.62
C ASN B 74 0.29 16.45 -12.21
N ASN B 75 0.40 15.13 -12.06
CA ASN B 75 0.23 14.50 -10.76
C ASN B 75 1.54 14.06 -10.11
N GLU B 76 2.65 14.14 -10.81
CA GLU B 76 3.94 13.64 -10.33
C GLU B 76 4.91 14.79 -10.08
N ARG B 77 5.62 14.70 -8.95
CA ARG B 77 6.69 15.62 -8.59
C ARG B 77 7.94 14.80 -8.28
N LEU B 78 9.11 15.41 -8.49
CA LEU B 78 10.37 14.78 -8.12
C LEU B 78 10.86 15.41 -6.82
N LEU B 79 10.95 14.60 -5.76
CA LEU B 79 11.21 15.08 -4.40
C LEU B 79 12.35 14.27 -3.78
N PHE B 80 12.73 14.63 -2.57
CA PHE B 80 13.85 14.01 -1.87
C PHE B 80 13.39 13.34 -0.58
N HIS B 81 14.11 12.29 -0.18
CA HIS B 81 13.83 11.63 1.09
C HIS B 81 15.14 11.14 1.70
N GLY B 82 15.51 11.68 2.85
CA GLY B 82 16.70 11.21 3.55
C GLY B 82 16.34 10.08 4.49
N THR B 83 17.23 9.09 4.60
CA THR B 83 17.00 8.01 5.53
C THR B 83 18.32 7.47 6.06
N ASP B 84 18.23 6.58 7.03
CA ASP B 84 19.42 5.97 7.61
C ASP B 84 19.88 4.79 6.75
N ALA B 85 21.14 4.41 6.92
CA ALA B 85 21.70 3.36 6.09
C ALA B 85 20.96 2.04 6.26
N ASP B 86 20.46 1.77 7.47
CA ASP B 86 19.82 0.47 7.68
C ASP B 86 18.47 0.37 6.97
N SER B 87 17.85 1.50 6.62
CA SER B 87 16.60 1.46 5.90
C SER B 87 16.78 1.36 4.38
N VAL B 88 17.99 1.64 3.89
CA VAL B 88 18.22 1.65 2.44
C VAL B 88 17.87 0.34 1.76
N PRO B 89 18.34 -0.83 2.23
CA PRO B 89 17.97 -2.08 1.53
C PRO B 89 16.47 -2.28 1.48
N TYR B 90 15.75 -1.93 2.56
CA TYR B 90 14.30 -2.07 2.55
C TYR B 90 13.66 -1.15 1.52
N VAL B 91 14.04 0.13 1.50
CA VAL B 91 13.45 1.07 0.54
C VAL B 91 13.73 0.64 -0.90
N ASN B 92 14.96 0.19 -1.16
CA ASN B 92 15.31 -0.21 -2.52
C ASN B 92 14.38 -1.32 -3.02
N GLN B 93 14.03 -2.25 -2.14
CA GLN B 93 13.22 -3.41 -2.49
C GLN B 93 11.73 -3.15 -2.38
N HIS B 94 11.31 -2.41 -1.36
CA HIS B 94 9.90 -2.32 -1.00
C HIS B 94 9.33 -0.92 -1.07
N GLY B 95 10.14 0.09 -1.32
CA GLY B 95 9.67 1.46 -1.33
C GLY B 95 9.49 2.00 0.07
N PHE B 96 8.61 3.00 0.16
CA PHE B 96 8.42 3.75 1.40
C PHE B 96 7.19 3.24 2.11
N ASN B 97 7.31 3.12 3.43
CA ASN B 97 6.27 2.51 4.25
C ASN B 97 5.90 3.49 5.37
N ARG B 98 4.68 4.01 5.29
CA ARG B 98 4.19 4.94 6.32
C ARG B 98 4.22 4.33 7.71
N SER B 99 4.16 3.01 7.82
CA SER B 99 4.16 2.38 9.13
C SER B 99 5.52 2.45 9.79
N CYS B 100 6.53 2.92 9.06
CA CYS B 100 7.90 3.07 9.54
C CYS B 100 8.29 4.51 9.81
N ALA B 101 7.41 5.46 9.53
CA ALA B 101 7.76 6.87 9.73
C ALA B 101 7.97 7.14 11.21
N GLY B 102 9.04 7.84 11.53
CA GLY B 102 9.15 8.36 12.87
C GLY B 102 8.05 9.39 13.04
N LYS B 103 7.24 9.41 14.11
CA LYS B 103 7.44 9.18 15.55
C LYS B 103 7.31 10.61 16.00
N ASN B 104 8.35 11.40 15.70
CA ASN B 104 8.33 12.84 15.85
C ASN B 104 8.46 13.56 14.51
N ALA B 105 8.47 12.83 13.40
CA ALA B 105 8.55 13.42 12.08
C ALA B 105 7.21 13.23 11.37
N VAL B 106 6.10 13.45 12.09
CA VAL B 106 4.74 13.25 11.58
C VAL B 106 3.82 14.46 11.75
N SER B 107 4.38 15.67 11.63
CA SER B 107 3.63 16.85 12.03
C SER B 107 2.46 17.18 11.10
N TYR B 108 2.47 16.69 9.87
CA TYR B 108 1.39 16.95 8.94
C TYR B 108 0.60 15.69 8.61
N GLY B 109 0.77 14.64 9.41
CA GLY B 109 0.06 13.41 9.19
C GLY B 109 0.97 12.20 9.21
N LYS B 110 0.38 11.03 9.42
CA LYS B 110 1.12 9.77 9.54
C LYS B 110 1.26 9.15 8.14
N GLY B 111 2.16 9.74 7.36
CA GLY B 111 2.48 9.23 6.03
C GLY B 111 3.97 9.23 5.82
N THR B 112 4.42 9.08 4.58
CA THR B 112 5.83 9.23 4.27
C THR B 112 6.08 10.64 3.76
N TYR B 113 7.19 11.23 4.19
CA TYR B 113 7.50 12.63 3.96
C TYR B 113 8.55 12.78 2.88
N PHE B 114 8.35 13.76 2.01
CA PHE B 114 9.25 14.05 0.91
C PHE B 114 9.49 15.55 0.83
N ALA B 115 10.75 15.94 0.66
CA ALA B 115 11.17 17.33 0.66
C ALA B 115 11.27 17.87 -0.76
N VAL B 116 10.88 19.12 -0.94
CA VAL B 116 11.12 19.80 -2.20
C VAL B 116 12.62 20.06 -2.41
N ASP B 117 13.34 20.39 -1.34
CA ASP B 117 14.74 20.76 -1.42
C ASP B 117 15.60 19.68 -0.77
N ALA B 118 16.63 19.23 -1.48
CA ALA B 118 17.54 18.23 -0.93
C ALA B 118 18.12 18.68 0.42
N SER B 119 18.32 19.98 0.60
CA SER B 119 18.91 20.50 1.84
C SER B 119 18.12 20.08 3.07
N TYR B 120 16.78 19.96 2.95
CA TYR B 120 16.00 19.53 4.11
C TYR B 120 16.24 18.06 4.42
N SER B 121 16.19 17.21 3.39
CA SER B 121 16.48 15.79 3.59
C SER B 121 17.90 15.54 4.02
N ALA B 122 18.80 16.51 3.79
CA ALA B 122 20.20 16.37 4.16
C ALA B 122 20.46 16.53 5.65
N LYS B 123 19.46 16.97 6.43
CA LYS B 123 19.64 17.05 7.88
C LYS B 123 19.97 15.68 8.44
N ASP B 124 20.88 15.67 9.43
CA ASP B 124 21.30 14.40 10.03
C ASP B 124 20.14 13.64 10.65
N THR B 125 19.09 14.35 11.08
CA THR B 125 17.94 13.68 11.67
C THR B 125 17.26 12.73 10.69
N TYR B 126 17.40 12.98 9.39
CA TYR B 126 16.81 12.15 8.35
C TYR B 126 17.85 11.27 7.63
N SER B 127 18.81 11.89 6.93
CA SER B 127 19.89 11.13 6.31
C SER B 127 21.00 10.92 7.34
N LYS B 128 20.68 10.11 8.34
CA LYS B 128 21.57 9.86 9.48
C LYS B 128 22.94 9.39 9.00
N PRO B 129 24.03 10.06 9.36
CA PRO B 129 25.35 9.59 8.95
C PRO B 129 25.67 8.27 9.60
N ASP B 130 26.24 7.35 8.81
CA ASP B 130 26.52 6.02 9.33
C ASP B 130 27.85 6.00 10.08
N SER B 131 28.31 4.81 10.44
CA SER B 131 29.56 4.66 11.19
C SER B 131 30.76 5.22 10.46
N ASN B 132 30.70 5.30 9.13
CA ASN B 132 31.78 5.87 8.34
C ASN B 132 31.46 7.28 7.82
N GLY B 133 30.39 7.90 8.32
CA GLY B 133 30.04 9.25 7.95
C GLY B 133 29.19 9.38 6.69
N ARG B 134 28.84 8.28 6.04
CA ARG B 134 28.08 8.34 4.80
C ARG B 134 26.61 8.63 5.08
N LYS B 135 26.02 9.50 4.28
CA LYS B 135 24.61 9.87 4.35
C LYS B 135 23.90 9.43 3.07
N HIS B 136 22.60 9.17 3.17
CA HIS B 136 21.83 8.59 2.08
C HIS B 136 20.54 9.36 1.86
N MET B 137 20.29 9.72 0.61
CA MET B 137 19.08 10.44 0.25
C MET B 137 18.58 9.92 -1.07
N TYR B 138 17.27 9.70 -1.15
CA TYR B 138 16.64 9.27 -2.38
C TYR B 138 16.10 10.46 -3.16
N VAL B 139 16.14 10.32 -4.48
CA VAL B 139 15.37 11.15 -5.41
C VAL B 139 14.17 10.31 -5.81
N VAL B 140 12.96 10.83 -5.60
CA VAL B 140 11.75 10.03 -5.59
C VAL B 140 10.72 10.64 -6.54
N ARG B 141 10.11 9.80 -7.39
CA ARG B 141 8.90 10.19 -8.11
C ARG B 141 7.73 10.02 -7.15
N VAL B 142 7.01 11.11 -6.89
CA VAL B 142 5.92 11.10 -5.93
C VAL B 142 4.65 11.55 -6.62
N LEU B 143 3.57 10.78 -6.45
CA LEU B 143 2.26 11.14 -6.98
C LEU B 143 1.54 12.06 -5.99
N THR B 144 1.91 13.35 -6.04
CA THR B 144 1.31 14.36 -5.18
C THR B 144 -0.11 14.73 -5.59
N GLY B 145 -0.44 14.60 -6.87
CA GLY B 145 -1.79 14.85 -7.35
C GLY B 145 -2.34 16.18 -6.89
N VAL B 146 -3.59 16.17 -6.44
CA VAL B 146 -4.25 17.33 -5.86
C VAL B 146 -4.02 17.28 -4.36
N PHE B 147 -3.49 18.37 -3.80
CA PHE B 147 -3.08 18.38 -2.41
C PHE B 147 -3.76 19.49 -1.62
N THR B 148 -3.67 19.38 -0.29
CA THR B 148 -4.23 20.35 0.64
C THR B 148 -3.31 20.43 1.86
N LYS B 149 -3.54 21.42 2.71
CA LYS B 149 -2.72 21.56 3.91
C LYS B 149 -2.98 20.39 4.85
N GLY B 150 -1.91 19.78 5.36
CA GLY B 150 -2.02 18.69 6.31
C GLY B 150 -2.13 19.19 7.74
N ARG B 151 -2.18 18.23 8.67
CA ARG B 151 -2.22 18.52 10.10
C ARG B 151 -1.90 17.23 10.86
N ALA B 152 -1.50 17.37 12.11
CA ALA B 152 -1.11 16.21 12.89
C ALA B 152 -2.26 15.24 13.04
N GLY B 153 -1.94 13.94 12.97
CA GLY B 153 -2.89 12.90 13.26
C GLY B 153 -3.65 12.36 12.07
N LEU B 154 -3.52 12.97 10.89
CA LEU B 154 -4.15 12.40 9.71
C LEU B 154 -3.61 11.01 9.48
N VAL B 155 -4.49 10.07 9.12
CA VAL B 155 -4.03 8.77 8.66
C VAL B 155 -4.24 8.57 7.17
N THR B 156 -5.08 9.36 6.53
CA THR B 156 -5.27 9.42 5.09
C THR B 156 -5.41 10.90 4.74
N PRO B 157 -5.28 11.30 3.47
CA PRO B 157 -5.53 12.69 3.13
C PRO B 157 -6.98 13.04 3.41
N PRO B 158 -7.27 14.29 3.71
CA PRO B 158 -8.66 14.68 3.99
C PRO B 158 -9.51 14.52 2.74
N PRO B 159 -10.82 14.42 2.90
CA PRO B 159 -11.70 14.45 1.73
C PRO B 159 -11.71 15.85 1.12
N LYS B 160 -11.98 15.90 -0.17
CA LYS B 160 -12.12 17.19 -0.84
C LYS B 160 -13.39 17.91 -0.41
N ASN B 161 -14.43 17.17 -0.06
CA ASN B 161 -15.67 17.74 0.45
C ASN B 161 -16.13 16.88 1.62
N PRO B 162 -16.23 17.44 2.83
CA PRO B 162 -16.60 16.61 3.99
C PRO B 162 -17.93 15.87 3.83
N HIS B 163 -18.78 16.28 2.88
CA HIS B 163 -20.04 15.60 2.60
C HIS B 163 -19.90 14.48 1.58
N ASN B 164 -18.70 14.22 1.08
CA ASN B 164 -18.39 13.03 0.28
C ASN B 164 -17.07 12.48 0.80
N PRO B 165 -17.11 11.79 1.95
CA PRO B 165 -15.86 11.54 2.69
C PRO B 165 -14.90 10.56 2.04
N THR B 166 -15.28 9.87 0.95
CA THR B 166 -14.35 8.92 0.35
C THR B 166 -13.61 9.47 -0.87
N ASP B 167 -13.95 10.66 -1.34
CA ASP B 167 -13.24 11.27 -2.47
C ASP B 167 -12.11 12.12 -1.89
N LEU B 168 -10.89 11.59 -1.90
CA LEU B 168 -9.80 12.13 -1.09
C LEU B 168 -8.84 12.98 -1.91
N PHE B 169 -8.21 13.93 -1.23
CA PHE B 169 -6.99 14.52 -1.76
C PHE B 169 -5.94 13.42 -1.95
N ASP B 170 -4.95 13.70 -2.80
CA ASP B 170 -3.93 12.70 -3.08
C ASP B 170 -2.75 12.80 -2.12
N SER B 171 -2.50 13.98 -1.56
CA SER B 171 -1.40 14.17 -0.62
C SER B 171 -1.71 15.43 0.17
N VAL B 172 -0.87 15.67 1.18
CA VAL B 172 -0.95 16.91 1.95
C VAL B 172 0.41 17.57 1.98
N THR B 173 0.42 18.85 2.35
CA THR B 173 1.63 19.67 2.34
C THR B 173 1.59 20.62 3.53
N ASN B 174 2.74 21.26 3.80
CA ASN B 174 2.77 22.25 4.86
C ASN B 174 2.19 23.60 4.41
N ASN B 175 2.19 23.87 3.11
CA ASN B 175 1.78 25.17 2.59
C ASN B 175 1.38 24.97 1.12
N THR B 176 0.10 25.18 0.81
CA THR B 176 -0.36 24.93 -0.55
C THR B 176 0.18 25.95 -1.54
N ARG B 177 0.47 27.18 -1.07
CA ARG B 177 0.99 28.22 -1.97
C ARG B 177 2.43 27.94 -2.37
N SER B 178 3.30 27.66 -1.39
CA SER B 178 4.72 27.41 -1.61
C SER B 178 5.10 26.17 -0.82
N PRO B 179 4.78 24.99 -1.33
CA PRO B 179 5.04 23.76 -0.58
C PRO B 179 6.55 23.53 -0.40
N LYS B 180 6.92 23.07 0.79
CA LYS B 180 8.27 22.56 1.00
C LYS B 180 8.31 21.07 1.32
N LEU B 181 7.18 20.46 1.66
CA LEU B 181 7.12 19.03 1.91
C LEU B 181 5.79 18.51 1.40
N PHE B 182 5.77 17.23 1.05
CA PHE B 182 4.55 16.52 0.72
C PHE B 182 4.52 15.21 1.50
N VAL B 183 3.31 14.82 1.89
CA VAL B 183 3.10 13.58 2.64
C VAL B 183 2.12 12.72 1.85
N VAL B 184 2.48 11.47 1.62
CA VAL B 184 1.57 10.52 0.99
C VAL B 184 1.32 9.38 1.97
N PHE B 185 0.14 8.78 1.84
CA PHE B 185 -0.39 7.89 2.85
C PHE B 185 -0.68 6.50 2.32
N PHE B 186 -0.27 6.18 1.09
CA PHE B 186 -0.53 4.86 0.52
C PHE B 186 0.73 4.29 -0.10
N ASP B 187 0.82 2.97 -0.07
CA ASP B 187 1.96 2.30 -0.68
C ASP B 187 1.93 2.52 -2.18
N ASN B 188 3.11 2.52 -2.78
CA ASN B 188 3.19 2.60 -4.24
C ASN B 188 2.68 3.95 -4.81
N GLN B 189 2.57 4.97 -3.97
CA GLN B 189 2.42 6.35 -4.43
C GLN B 189 3.77 7.06 -4.57
N ALA B 190 4.88 6.38 -4.31
CA ALA B 190 6.20 6.97 -4.41
C ALA B 190 7.18 5.92 -4.93
N TYR B 191 7.98 6.29 -5.92
CA TYR B 191 8.96 5.36 -6.49
C TYR B 191 10.36 5.89 -6.21
N PRO B 192 11.20 5.17 -5.48
CA PRO B 192 12.58 5.62 -5.27
C PRO B 192 13.39 5.45 -6.54
N GLU B 193 13.75 6.55 -7.18
CA GLU B 193 14.37 6.46 -8.49
C GLU B 193 15.88 6.47 -8.46
N TYR B 194 16.48 7.29 -7.61
CA TYR B 194 17.92 7.35 -7.46
C TYR B 194 18.29 7.38 -5.98
N LEU B 195 19.42 6.77 -5.66
CA LEU B 195 20.00 6.84 -4.32
C LEU B 195 21.31 7.62 -4.40
N ILE B 196 21.41 8.67 -3.61
CA ILE B 196 22.61 9.50 -3.54
C ILE B 196 23.31 9.16 -2.23
N THR B 197 24.53 8.69 -2.33
CA THR B 197 25.39 8.48 -1.15
C THR B 197 26.38 9.64 -1.11
N PHE B 198 26.41 10.34 0.02
CA PHE B 198 27.14 11.60 0.10
C PHE B 198 27.66 11.81 1.51
N THR B 199 28.52 12.81 1.64
CA THR B 199 29.09 13.15 2.94
C THR B 199 29.07 14.65 3.14
N ALA B 200 29.22 15.05 4.40
CA ALA B 200 29.26 16.47 4.77
C ALA B 200 30.47 17.17 4.16
#